data_5NBP
#
_entry.id   5NBP
#
_cell.length_a   167.342
_cell.length_b   60.149
_cell.length_c   49.673
_cell.angle_alpha   90.000
_cell.angle_beta   93.750
_cell.angle_gamma   90.000
#
_symmetry.space_group_name_H-M   'C 1 2 1'
#
loop_
_entity.id
_entity.type
_entity.pdbx_description
1 polymer 'Glycosyl hydrolase family 16'
2 branched beta-D-glucopyranose-(1-4)-beta-D-glucopyranose-(1-4)-beta-D-glucopyranose-(1-3)-beta-D-glucopyranose
3 branched beta-D-glucopyranose-(1-4)-beta-D-glucopyranose-(1-3)-beta-D-glucopyranose
4 non-polymer 'CALCIUM ION'
5 non-polymer 1,2-ETHANEDIOL
6 water water
#
_entity_poly.entity_id   1
_entity_poly.type   'polypeptide(L)'
_entity_poly.pdbx_seq_one_letter_code
;MGSSHHHHHHSSGLVPRGSHMSDSVGTEPEENPQDILFKDDFNFFDEKVWTKETHEPGWTNQELQAYDAAHVSVGKDGDK
SVLILTAERKGNKIYSGRINSKGKKSFKYRKIEASIKLPKTNGGLWPAFWMMGDNDKQWPACGEIDIMEMGEQSGMAAGD
SEKQVNTAIHYGPSAAAHEQQYYKANVANSLQDGNYHTYSLDWDENNLTISIDNVKFHTFDISSNTYFHDNFYILFNLAV
GGAFTGITDINKLTGLKDGQKVNMYIDWVKIL
;
_entity_poly.pdbx_strand_id   A,B
#
# COMPACT_ATOMS: atom_id res chain seq x y z
N ILE A 36 -2.63 -32.63 -11.72
CA ILE A 36 -2.96 -31.36 -12.46
C ILE A 36 -4.42 -31.38 -12.86
N LEU A 37 -5.21 -30.49 -12.27
CA LEU A 37 -6.59 -30.25 -12.67
C LEU A 37 -6.69 -29.56 -14.02
N PHE A 38 -5.80 -28.60 -14.29
CA PHE A 38 -5.89 -27.78 -15.49
C PHE A 38 -4.52 -27.20 -15.82
N LYS A 39 -4.16 -27.21 -17.09
CA LYS A 39 -2.91 -26.64 -17.56
C LYS A 39 -3.21 -25.87 -18.87
N ASP A 40 -2.63 -24.70 -19.05
CA ASP A 40 -2.57 -24.12 -20.37
C ASP A 40 -1.08 -23.91 -20.66
N ASP A 41 -0.57 -24.62 -21.67
CA ASP A 41 0.81 -24.45 -22.06
C ASP A 41 0.96 -23.33 -23.06
N PHE A 42 -0.14 -22.71 -23.47
CA PHE A 42 -0.07 -21.60 -24.44
C PHE A 42 0.61 -21.98 -25.75
N ASN A 43 0.25 -23.17 -26.23
CA ASN A 43 0.59 -23.56 -27.60
C ASN A 43 -0.33 -22.85 -28.61
N PHE A 44 -1.47 -22.37 -28.14
CA PHE A 44 -2.38 -21.54 -28.93
C PHE A 44 -3.22 -20.75 -27.93
N PHE A 45 -3.92 -19.75 -28.45
CA PHE A 45 -4.83 -18.94 -27.64
C PHE A 45 -6.17 -19.65 -27.63
N ASP A 46 -6.50 -20.25 -26.48
CA ASP A 46 -7.72 -21.01 -26.31
C ASP A 46 -8.88 -20.11 -25.89
N GLU A 47 -9.75 -19.79 -26.85
CA GLU A 47 -10.92 -18.97 -26.61
C GLU A 47 -12.00 -19.57 -25.72
N LYS A 48 -11.95 -20.87 -25.47
CA LYS A 48 -12.81 -21.50 -24.48
C LYS A 48 -12.33 -21.26 -23.05
N VAL A 49 -11.10 -20.76 -22.89
CA VAL A 49 -10.53 -20.50 -21.56
C VAL A 49 -10.35 -19.01 -21.33
N TRP A 50 -9.93 -18.25 -22.35
CA TRP A 50 -9.53 -16.87 -22.17
C TRP A 50 -10.30 -15.91 -23.05
N THR A 51 -10.41 -14.67 -22.57
CA THR A 51 -11.00 -13.58 -23.29
C THR A 51 -9.99 -12.43 -23.31
N LYS A 52 -9.77 -11.84 -24.49
CA LYS A 52 -8.97 -10.62 -24.57
C LYS A 52 -9.82 -9.41 -24.27
N GLU A 53 -9.28 -8.46 -23.51
CA GLU A 53 -10.05 -7.30 -23.08
C GLU A 53 -9.72 -6.08 -23.93
N THR A 54 -10.75 -5.23 -24.12
CA THR A 54 -10.64 -3.96 -24.77
C THR A 54 -11.11 -2.85 -23.85
N HIS A 55 -10.28 -1.84 -23.63
CA HIS A 55 -10.64 -0.73 -22.77
C HIS A 55 -9.91 0.52 -23.23
N GLU A 56 -10.59 1.63 -23.02
CA GLU A 56 -10.00 2.93 -23.23
C GLU A 56 -8.90 3.23 -22.20
N PRO A 57 -7.99 4.17 -22.55
CA PRO A 57 -7.05 4.69 -21.55
C PRO A 57 -7.76 5.31 -20.37
N GLY A 58 -7.18 5.16 -19.18
CA GLY A 58 -7.81 5.64 -17.95
C GLY A 58 -9.04 4.87 -17.47
N TRP A 59 -9.35 3.71 -18.05
CA TRP A 59 -10.49 2.92 -17.59
C TRP A 59 -10.37 2.64 -16.10
N THR A 60 -9.18 2.19 -15.66
CA THR A 60 -8.96 1.97 -14.24
C THR A 60 -7.62 2.54 -13.79
N ASN A 61 -7.61 2.96 -12.53
CA ASN A 61 -6.40 3.36 -11.81
C ASN A 61 -5.61 4.45 -12.49
N GLN A 62 -6.27 5.30 -13.29
CA GLN A 62 -5.59 6.34 -14.06
C GLN A 62 -4.47 5.79 -14.96
N GLU A 63 -4.66 4.56 -15.42
CA GLU A 63 -3.70 3.92 -16.29
C GLU A 63 -3.62 4.62 -17.65
N LEU A 64 -2.44 4.56 -18.28
CA LEU A 64 -2.24 5.26 -19.57
C LEU A 64 -2.57 4.43 -20.81
N GLN A 65 -2.53 3.10 -20.70
CA GLN A 65 -2.77 2.24 -21.87
C GLN A 65 -4.24 2.08 -22.18
N ALA A 66 -4.51 1.94 -23.47
CA ALA A 66 -5.65 1.26 -23.98
C ALA A 66 -5.32 -0.22 -24.07
N TYR A 67 -6.32 -1.05 -23.77
CA TYR A 67 -6.19 -2.49 -23.97
C TYR A 67 -6.92 -2.87 -25.23
N ASP A 68 -6.29 -3.69 -26.05
CA ASP A 68 -6.98 -4.25 -27.22
C ASP A 68 -6.49 -5.65 -27.58
N ALA A 69 -7.26 -6.31 -28.45
CA ALA A 69 -7.07 -7.68 -28.78
C ALA A 69 -5.80 -7.90 -29.57
N ALA A 70 -5.40 -6.90 -30.34
CA ALA A 70 -4.18 -6.97 -31.12
C ALA A 70 -2.90 -7.03 -30.31
N HIS A 71 -2.94 -6.63 -29.02
CA HIS A 71 -1.79 -6.69 -28.17
C HIS A 71 -1.72 -7.91 -27.26
N VAL A 72 -2.48 -8.94 -27.63
CA VAL A 72 -2.43 -10.23 -26.99
C VAL A 72 -2.22 -11.23 -28.12
N SER A 73 -1.23 -12.08 -27.95
CA SER A 73 -0.95 -13.11 -28.96
C SER A 73 -0.33 -14.33 -28.28
N VAL A 74 -0.24 -15.43 -29.02
CA VAL A 74 0.51 -16.57 -28.59
C VAL A 74 1.55 -16.79 -29.67
N GLY A 75 2.79 -17.04 -29.28
CA GLY A 75 3.88 -17.27 -30.25
C GLY A 75 5.04 -17.94 -29.57
N LYS A 76 6.21 -17.92 -30.21
CA LYS A 76 7.38 -18.68 -29.75
C LYS A 76 8.26 -17.72 -29.03
N ASP A 77 8.87 -18.18 -27.94
CA ASP A 77 10.03 -17.51 -27.35
C ASP A 77 11.13 -18.56 -27.28
N GLY A 78 12.00 -18.54 -28.30
CA GLY A 78 12.91 -19.65 -28.55
C GLY A 78 12.16 -20.97 -28.71
N ASP A 79 12.49 -21.95 -27.86
CA ASP A 79 11.84 -23.28 -27.84
C ASP A 79 10.44 -23.29 -27.19
N LYS A 80 10.06 -22.21 -26.52
CA LYS A 80 8.81 -22.17 -25.77
C LYS A 80 7.68 -21.67 -26.62
N SER A 81 6.44 -22.07 -26.28
CA SER A 81 5.27 -21.42 -26.84
C SER A 81 4.66 -20.71 -25.65
N VAL A 82 4.34 -19.45 -25.85
CA VAL A 82 4.02 -18.55 -24.73
C VAL A 82 2.90 -17.61 -25.11
N LEU A 83 2.22 -17.16 -24.07
CA LEU A 83 1.29 -16.06 -24.19
C LEU A 83 2.12 -14.77 -24.13
N ILE A 84 1.80 -13.84 -25.03
CA ILE A 84 2.55 -12.58 -25.15
C ILE A 84 1.60 -11.40 -24.96
N LEU A 85 1.84 -10.60 -23.91
CA LEU A 85 1.14 -9.33 -23.74
C LEU A 85 2.15 -8.26 -24.19
N THR A 86 1.77 -7.46 -25.17
CA THR A 86 2.70 -6.50 -25.75
C THR A 86 2.22 -5.08 -25.44
N ALA A 87 3.08 -4.28 -24.80
CA ALA A 87 2.79 -2.87 -24.61
C ALA A 87 3.59 -2.09 -25.64
N GLU A 88 2.94 -1.17 -26.32
CA GLU A 88 3.63 -0.33 -27.26
C GLU A 88 3.09 1.08 -27.23
N ARG A 89 3.96 2.02 -27.58
CA ARG A 89 3.66 3.41 -27.60
C ARG A 89 3.91 3.97 -28.99
N LYS A 90 2.89 4.63 -29.51
CA LYS A 90 2.93 5.32 -30.80
C LYS A 90 2.58 6.78 -30.53
N GLY A 91 3.60 7.62 -30.42
CA GLY A 91 3.39 8.97 -29.96
C GLY A 91 2.87 9.03 -28.53
N ASN A 92 1.70 9.63 -28.37
CA ASN A 92 1.04 9.73 -27.06
C ASN A 92 0.02 8.59 -26.82
N LYS A 93 -0.16 7.69 -27.78
CA LYS A 93 -1.10 6.58 -27.61
C LYS A 93 -0.34 5.34 -27.14
N ILE A 94 -0.88 4.70 -26.13
CA ILE A 94 -0.23 3.50 -25.57
C ILE A 94 -1.24 2.39 -25.63
N TYR A 95 -0.78 1.24 -26.10
CA TYR A 95 -1.61 0.04 -26.23
C TYR A 95 -0.96 -1.09 -25.47
N SER A 96 -1.77 -1.91 -24.82
CA SER A 96 -1.28 -3.16 -24.22
C SER A 96 -2.35 -4.24 -24.20
N GLY A 97 -2.07 -5.31 -23.47
CA GLY A 97 -2.88 -6.48 -23.45
C GLY A 97 -3.29 -6.93 -22.06
N ARG A 98 -4.52 -7.44 -22.01
CA ARG A 98 -5.09 -8.00 -20.79
C ARG A 98 -6.02 -9.11 -21.14
N ILE A 99 -5.96 -10.20 -20.40
CA ILE A 99 -6.85 -11.33 -20.58
C ILE A 99 -7.40 -11.83 -19.23
N ASN A 100 -8.53 -12.53 -19.31
CA ASN A 100 -9.18 -13.13 -18.15
C ASN A 100 -9.91 -14.38 -18.55
N SER A 101 -10.15 -15.23 -17.57
CA SER A 101 -10.92 -16.46 -17.77
C SER A 101 -12.32 -16.45 -17.17
N LYS A 102 -12.89 -15.27 -16.91
CA LYS A 102 -14.21 -15.17 -16.32
C LYS A 102 -15.27 -15.90 -17.16
N GLY A 103 -16.06 -16.75 -16.49
CA GLY A 103 -17.13 -17.53 -17.12
C GLY A 103 -16.61 -18.67 -17.96
N LYS A 104 -15.31 -18.97 -17.88
CA LYS A 104 -14.66 -19.97 -18.72
C LYS A 104 -13.86 -20.93 -17.91
N LYS A 105 -13.02 -20.44 -17.02
CA LYS A 105 -12.26 -21.29 -16.15
C LYS A 105 -12.13 -20.63 -14.78
N SER A 106 -12.63 -21.27 -13.74
CA SER A 106 -12.47 -20.75 -12.40
C SER A 106 -12.27 -21.91 -11.44
N PHE A 107 -11.78 -21.63 -10.25
CA PHE A 107 -11.58 -22.68 -9.30
C PHE A 107 -11.56 -22.13 -7.90
N LYS A 108 -11.52 -23.05 -6.96
CA LYS A 108 -11.53 -22.74 -5.56
C LYS A 108 -10.66 -23.71 -4.81
N TYR A 109 -9.87 -23.16 -3.87
CA TYR A 109 -9.01 -23.92 -2.97
C TYR A 109 -8.02 -24.85 -3.70
N ARG A 110 -7.38 -24.36 -4.74
CA ARG A 110 -6.31 -25.15 -5.39
C ARG A 110 -5.09 -24.31 -5.41
N LYS A 111 -3.96 -24.95 -5.72
CA LYS A 111 -2.76 -24.28 -6.00
C LYS A 111 -2.78 -23.84 -7.45
N ILE A 112 -2.42 -22.61 -7.68
CA ILE A 112 -2.29 -22.11 -9.05
C ILE A 112 -0.87 -21.57 -9.21
N GLU A 113 -0.25 -21.91 -10.33
CA GLU A 113 1.13 -21.54 -10.64
C GLU A 113 1.26 -21.05 -12.06
N ALA A 114 2.07 -20.03 -12.27
CA ALA A 114 2.35 -19.56 -13.63
C ALA A 114 3.82 -19.19 -13.80
N SER A 115 4.33 -19.45 -15.00
CA SER A 115 5.69 -19.20 -15.31
C SER A 115 5.74 -17.96 -16.18
N ILE A 116 6.34 -16.90 -15.67
CA ILE A 116 6.24 -15.60 -16.33
C ILE A 116 7.62 -14.98 -16.50
N LYS A 117 7.84 -14.39 -17.67
CA LYS A 117 8.99 -13.58 -17.96
C LYS A 117 8.54 -12.15 -18.08
N LEU A 118 9.17 -11.27 -17.30
CA LEU A 118 8.72 -9.88 -17.17
C LEU A 118 9.70 -8.91 -17.79
N PRO A 119 9.16 -7.85 -18.42
CA PRO A 119 10.07 -6.80 -18.87
C PRO A 119 10.57 -5.99 -17.67
N LYS A 120 11.61 -5.18 -17.88
CA LYS A 120 12.07 -4.30 -16.86
C LYS A 120 11.01 -3.22 -16.68
N THR A 121 10.54 -3.06 -15.46
CA THR A 121 9.35 -2.22 -15.25
C THR A 121 9.65 -0.72 -14.99
N ASN A 122 10.89 -0.46 -14.57
CA ASN A 122 11.31 0.88 -14.11
C ASN A 122 10.78 1.93 -15.08
N GLY A 123 10.11 2.94 -14.51
CA GLY A 123 9.57 4.04 -15.30
C GLY A 123 8.15 3.84 -15.77
N GLY A 124 7.42 2.86 -15.18
CA GLY A 124 5.97 2.91 -15.18
C GLY A 124 5.23 1.69 -15.75
N LEU A 125 5.96 0.62 -16.12
CA LEU A 125 5.25 -0.61 -16.49
C LEU A 125 4.69 -1.24 -15.25
N TRP A 126 3.57 -1.98 -15.38
CA TRP A 126 2.82 -2.50 -14.26
C TRP A 126 2.21 -3.84 -14.62
N PRO A 127 3.05 -4.90 -14.58
CA PRO A 127 2.51 -6.23 -14.83
C PRO A 127 1.82 -6.80 -13.61
N ALA A 128 0.88 -7.69 -13.87
CA ALA A 128 0.15 -8.38 -12.83
C ALA A 128 -0.39 -9.73 -13.25
N PHE A 129 -0.42 -10.62 -12.25
CA PHE A 129 -1.01 -11.94 -12.30
C PHE A 129 -1.91 -12.00 -11.09
N TRP A 130 -3.19 -12.16 -11.35
CA TRP A 130 -4.22 -11.96 -10.32
C TRP A 130 -5.52 -12.70 -10.63
N MET A 131 -6.50 -12.56 -9.72
CA MET A 131 -7.73 -13.31 -9.77
C MET A 131 -8.85 -12.49 -9.21
N MET A 132 -10.04 -12.71 -9.75
CA MET A 132 -11.27 -12.13 -9.19
C MET A 132 -12.33 -13.22 -9.10
N GLY A 133 -13.30 -13.01 -8.21
CA GLY A 133 -14.44 -13.95 -8.03
C GLY A 133 -15.25 -14.08 -9.29
N ASP A 134 -15.56 -15.33 -9.63
CA ASP A 134 -16.28 -15.64 -10.84
C ASP A 134 -17.78 -15.58 -10.51
N ASN A 135 -18.26 -14.38 -10.30
CA ASN A 135 -19.66 -14.11 -9.99
C ASN A 135 -19.96 -12.75 -10.64
N ASP A 136 -21.20 -12.27 -10.55
CA ASP A 136 -21.58 -11.01 -11.19
C ASP A 136 -21.55 -9.83 -10.22
N LYS A 137 -20.94 -10.00 -9.04
CA LYS A 137 -20.84 -8.87 -8.09
C LYS A 137 -19.86 -7.82 -8.60
N GLN A 138 -20.19 -6.55 -8.40
CA GLN A 138 -19.36 -5.46 -8.88
C GLN A 138 -18.14 -5.40 -7.95
N TRP A 139 -16.98 -5.15 -8.56
CA TRP A 139 -15.73 -5.04 -7.79
C TRP A 139 -15.98 -3.98 -6.74
N PRO A 140 -15.46 -4.14 -5.51
CA PRO A 140 -14.62 -5.21 -4.99
C PRO A 140 -15.37 -6.40 -4.37
N ALA A 141 -16.71 -6.39 -4.42
CA ALA A 141 -17.54 -7.38 -3.82
C ALA A 141 -17.37 -8.75 -4.44
N CYS A 142 -16.84 -8.80 -5.66
CA CYS A 142 -16.47 -10.12 -6.25
C CYS A 142 -15.26 -10.76 -5.56
N GLY A 143 -14.42 -9.95 -4.92
CA GLY A 143 -13.22 -10.44 -4.26
C GLY A 143 -12.10 -10.38 -5.29
N GLU A 144 -10.90 -10.09 -4.82
CA GLU A 144 -9.73 -9.94 -5.69
C GLU A 144 -8.47 -10.43 -4.99
N ILE A 145 -7.69 -11.25 -5.69
CA ILE A 145 -6.42 -11.77 -5.17
C ILE A 145 -5.32 -11.33 -6.17
N ASP A 146 -4.42 -10.49 -5.72
CA ASP A 146 -3.25 -10.13 -6.49
C ASP A 146 -2.08 -11.01 -6.09
N ILE A 147 -1.74 -11.93 -6.98
CA ILE A 147 -0.69 -12.91 -6.68
C ILE A 147 0.63 -12.20 -6.82
N MET A 148 0.82 -11.55 -7.96
CA MET A 148 2.03 -10.81 -8.24
C MET A 148 1.69 -9.52 -8.93
N GLU A 149 2.23 -8.42 -8.42
CA GLU A 149 2.26 -7.16 -9.16
C GLU A 149 3.67 -6.62 -9.02
N MET A 150 4.19 -5.98 -10.06
CA MET A 150 5.44 -5.22 -9.95
C MET A 150 5.25 -3.88 -10.58
N GLY A 151 6.22 -2.98 -10.35
CA GLY A 151 6.18 -1.65 -10.94
C GLY A 151 5.75 -0.55 -10.00
N GLU A 152 5.62 -0.87 -8.72
CA GLU A 152 5.10 0.11 -7.76
C GLU A 152 6.08 1.27 -7.58
N GLN A 153 5.51 2.45 -7.38
CA GLN A 153 6.27 3.71 -7.13
C GLN A 153 7.37 3.50 -6.09
N SER A 154 7.03 2.88 -4.97
CA SER A 154 8.01 2.64 -3.91
C SER A 154 9.19 1.74 -4.33
N GLY A 155 8.97 0.85 -5.29
CA GLY A 155 10.07 0.02 -5.84
C GLY A 155 11.13 0.84 -6.53
N MET A 156 10.72 1.85 -7.30
CA MET A 156 11.66 2.73 -7.99
C MET A 156 12.33 3.62 -6.96
N ALA A 157 11.54 4.21 -6.07
CA ALA A 157 12.08 5.07 -5.00
C ALA A 157 13.16 4.36 -4.13
N ALA A 158 13.04 3.05 -3.93
CA ALA A 158 14.03 2.26 -3.19
C ALA A 158 15.12 1.56 -4.05
N GLY A 159 15.18 1.90 -5.35
CA GLY A 159 16.15 1.32 -6.26
C GLY A 159 16.10 -0.18 -6.41
N ASP A 160 14.90 -0.73 -6.25
CA ASP A 160 14.69 -2.18 -6.21
C ASP A 160 13.58 -2.58 -7.19
N SER A 161 13.43 -1.87 -8.30
CA SER A 161 12.25 -2.10 -9.16
C SER A 161 12.21 -3.50 -9.76
N GLU A 162 13.36 -4.17 -9.93
CA GLU A 162 13.38 -5.51 -10.48
C GLU A 162 13.09 -6.60 -9.44
N LYS A 163 13.03 -6.24 -8.16
CA LYS A 163 12.85 -7.16 -7.06
C LYS A 163 11.62 -6.90 -6.19
N GLN A 164 11.06 -5.70 -6.24
CA GLN A 164 9.94 -5.37 -5.34
C GLN A 164 8.63 -5.85 -5.88
N VAL A 165 8.04 -6.79 -5.12
CA VAL A 165 6.77 -7.37 -5.44
C VAL A 165 5.69 -6.95 -4.45
N ASN A 166 4.53 -6.64 -5.00
CA ASN A 166 3.33 -6.42 -4.22
C ASN A 166 2.36 -7.61 -4.34
N THR A 167 1.86 -8.10 -3.22
CA THR A 167 0.75 -9.05 -3.24
C THR A 167 -0.34 -8.46 -2.35
N ALA A 168 -1.57 -8.76 -2.70
CA ALA A 168 -2.73 -8.14 -2.04
C ALA A 168 -4.03 -8.90 -2.15
N ILE A 169 -4.98 -8.49 -1.31
CA ILE A 169 -6.37 -8.90 -1.44
C ILE A 169 -7.25 -7.70 -1.26
N HIS A 170 -8.27 -7.61 -2.10
CA HIS A 170 -9.25 -6.55 -1.99
C HIS A 170 -10.63 -7.16 -1.88
N TYR A 171 -11.50 -6.50 -1.14
CA TYR A 171 -12.77 -7.09 -0.86
C TYR A 171 -13.68 -6.02 -0.25
N GLY A 172 -14.87 -6.43 0.11
CA GLY A 172 -15.87 -5.53 0.73
C GLY A 172 -17.06 -5.32 -0.21
N PRO A 173 -18.17 -4.78 0.33
CA PRO A 173 -19.44 -4.87 -0.40
C PRO A 173 -19.61 -3.83 -1.49
N SER A 174 -18.77 -2.80 -1.54
CA SER A 174 -18.96 -1.76 -2.54
C SER A 174 -17.68 -1.00 -2.61
N ALA A 175 -17.58 -0.11 -3.59
CA ALA A 175 -16.36 0.69 -3.76
C ALA A 175 -16.21 1.57 -2.54
N ALA A 176 -17.32 2.13 -2.09
CA ALA A 176 -17.34 2.95 -0.87
C ALA A 176 -16.79 2.21 0.31
N ALA A 177 -17.07 0.91 0.39
CA ALA A 177 -16.60 0.10 1.50
C ALA A 177 -15.43 -0.85 1.12
N HIS A 178 -14.61 -0.40 0.21
CA HIS A 178 -13.45 -1.18 -0.27
C HIS A 178 -12.43 -1.37 0.85
N GLU A 179 -12.06 -2.62 1.13
CA GLU A 179 -11.00 -2.95 2.10
C GLU A 179 -9.87 -3.63 1.35
N GLN A 180 -8.66 -3.52 1.85
CA GLN A 180 -7.53 -4.20 1.20
C GLN A 180 -6.42 -4.44 2.17
N GLN A 181 -5.73 -5.56 1.93
CA GLN A 181 -4.58 -5.94 2.70
C GLN A 181 -3.50 -6.14 1.67
N TYR A 182 -2.33 -5.58 1.94
CA TYR A 182 -1.15 -5.64 1.05
CA TYR A 182 -1.21 -5.87 1.06
C TYR A 182 0.08 -6.12 1.77
N TYR A 183 0.96 -6.79 1.05
CA TYR A 183 2.30 -7.08 1.51
C TYR A 183 3.27 -6.75 0.40
N LYS A 184 4.32 -6.04 0.77
CA LYS A 184 5.33 -5.58 -0.13
C LYS A 184 6.72 -5.91 0.41
N ALA A 185 7.58 -6.41 -0.47
CA ALA A 185 8.92 -6.82 -0.09
C ALA A 185 9.74 -7.09 -1.34
N ASN A 186 11.03 -7.15 -1.15
CA ASN A 186 11.99 -7.49 -2.22
C ASN A 186 12.31 -8.99 -2.16
N VAL A 187 12.18 -9.68 -3.29
CA VAL A 187 12.80 -11.00 -3.42
C VAL A 187 14.32 -10.91 -3.51
N ALA A 188 14.98 -12.07 -3.41
CA ALA A 188 16.47 -12.14 -3.35
C ALA A 188 17.13 -11.72 -4.68
N ASN A 189 16.54 -12.15 -5.79
CA ASN A 189 17.15 -11.97 -7.12
C ASN A 189 16.14 -11.25 -8.06
N SER A 190 16.66 -10.50 -9.02
CA SER A 190 15.83 -9.91 -10.08
C SER A 190 14.85 -10.89 -10.71
N LEU A 191 13.61 -10.40 -10.88
CA LEU A 191 12.55 -11.13 -11.53
C LEU A 191 12.41 -10.64 -12.94
N GLN A 192 13.24 -9.66 -13.30
CA GLN A 192 13.19 -9.01 -14.59
C GLN A 192 14.57 -9.14 -15.22
N ASP A 193 14.99 -10.39 -15.30
CA ASP A 193 16.38 -10.77 -15.63
C ASP A 193 16.47 -11.53 -16.94
N GLY A 194 15.44 -11.46 -17.77
CA GLY A 194 15.41 -12.25 -19.02
C GLY A 194 15.05 -13.71 -18.86
N ASN A 195 14.79 -14.18 -17.65
CA ASN A 195 14.33 -15.54 -17.42
C ASN A 195 12.88 -15.58 -16.96
N TYR A 196 12.30 -16.79 -17.03
CA TYR A 196 11.01 -17.09 -16.52
C TYR A 196 11.05 -17.42 -15.05
N HIS A 197 10.05 -16.94 -14.32
CA HIS A 197 9.96 -17.17 -12.88
C HIS A 197 8.58 -17.70 -12.54
N THR A 198 8.51 -18.50 -11.49
CA THR A 198 7.27 -19.12 -11.08
C THR A 198 6.60 -18.36 -9.94
N TYR A 199 5.34 -18.06 -10.14
CA TYR A 199 4.49 -17.36 -9.18
C TYR A 199 3.36 -18.34 -8.86
N SER A 200 3.20 -18.62 -7.56
CA SER A 200 2.34 -19.67 -7.01
C SER A 200 1.37 -19.07 -5.99
N LEU A 201 0.13 -19.53 -6.05
CA LEU A 201 -0.82 -19.30 -4.97
C LEU A 201 -1.30 -20.64 -4.44
N ASP A 202 -1.09 -20.87 -3.16
CA ASP A 202 -1.72 -21.99 -2.46
C ASP A 202 -2.91 -21.44 -1.70
N TRP A 203 -4.06 -22.08 -1.82
CA TRP A 203 -5.31 -21.52 -1.34
C TRP A 203 -6.13 -22.62 -0.64
N ASP A 204 -6.47 -22.41 0.62
CA ASP A 204 -7.38 -23.29 1.33
C ASP A 204 -8.36 -22.39 2.08
N GLU A 205 -9.21 -22.96 2.92
CA GLU A 205 -10.20 -22.16 3.62
C GLU A 205 -9.61 -21.19 4.63
N ASN A 206 -8.38 -21.43 5.09
CA ASN A 206 -7.76 -20.53 6.04
C ASN A 206 -6.77 -19.55 5.46
N ASN A 207 -6.03 -19.93 4.43
CA ASN A 207 -4.88 -19.19 3.99
C ASN A 207 -4.79 -19.01 2.48
N LEU A 208 -4.30 -17.83 2.10
CA LEU A 208 -3.73 -17.59 0.78
C LEU A 208 -2.23 -17.45 0.92
N THR A 209 -1.49 -18.34 0.29
CA THR A 209 -0.04 -18.30 0.39
C THR A 209 0.59 -18.11 -0.96
N ILE A 210 1.26 -16.96 -1.12
CA ILE A 210 1.97 -16.65 -2.34
C ILE A 210 3.43 -17.04 -2.20
N SER A 211 3.93 -17.73 -3.20
CA SER A 211 5.33 -18.10 -3.35
C SER A 211 5.87 -17.63 -4.73
N ILE A 212 7.16 -17.32 -4.75
CA ILE A 212 7.89 -16.87 -5.93
C ILE A 212 9.13 -17.74 -6.06
N ASP A 213 9.28 -18.44 -7.19
CA ASP A 213 10.36 -19.45 -7.33
C ASP A 213 10.50 -20.39 -6.13
N ASN A 214 9.36 -20.90 -5.68
CA ASN A 214 9.26 -21.84 -4.56
C ASN A 214 9.63 -21.28 -3.18
N VAL A 215 9.82 -19.96 -3.04
CA VAL A 215 10.14 -19.32 -1.81
C VAL A 215 8.85 -18.64 -1.38
N LYS A 216 8.38 -18.98 -0.19
CA LYS A 216 7.17 -18.35 0.34
C LYS A 216 7.42 -16.86 0.49
N PHE A 217 6.50 -16.06 -0.03
CA PHE A 217 6.57 -14.65 -0.02
C PHE A 217 5.66 -14.09 1.09
N HIS A 218 4.39 -14.45 1.10
CA HIS A 218 3.45 -14.00 2.17
C HIS A 218 2.23 -14.89 2.27
N THR A 219 1.65 -14.95 3.47
CA THR A 219 0.40 -15.64 3.67
C THR A 219 -0.63 -14.64 4.18
N PHE A 220 -1.75 -14.58 3.50
CA PHE A 220 -2.91 -13.84 3.98
C PHE A 220 -3.85 -14.81 4.67
N ASP A 221 -4.25 -14.45 5.90
CA ASP A 221 -5.30 -15.16 6.58
C ASP A 221 -6.69 -14.73 6.07
N ILE A 222 -7.44 -15.70 5.53
CA ILE A 222 -8.80 -15.50 5.04
C ILE A 222 -9.86 -16.38 5.76
N SER A 223 -9.46 -16.95 6.91
CA SER A 223 -10.27 -17.91 7.62
C SER A 223 -11.68 -17.35 7.92
N SER A 224 -11.77 -16.05 8.22
CA SER A 224 -13.07 -15.40 8.52
C SER A 224 -13.42 -14.30 7.49
N ASN A 225 -12.84 -14.38 6.31
CA ASN A 225 -13.07 -13.41 5.26
C ASN A 225 -13.95 -14.09 4.23
N THR A 226 -15.20 -13.62 4.15
CA THR A 226 -16.23 -14.27 3.32
C THR A 226 -16.01 -14.11 1.83
N TYR A 227 -15.08 -13.26 1.42
CA TYR A 227 -14.84 -12.98 0.02
C TYR A 227 -13.95 -13.98 -0.75
N PHE A 228 -13.31 -14.90 -0.05
CA PHE A 228 -12.30 -15.78 -0.65
C PHE A 228 -12.64 -17.27 -0.49
N HIS A 229 -13.91 -17.58 -0.66
CA HIS A 229 -14.43 -18.96 -0.46
C HIS A 229 -15.39 -19.37 -1.55
N ASP A 230 -15.23 -18.77 -2.72
CA ASP A 230 -16.02 -19.09 -3.91
C ASP A 230 -15.04 -19.19 -5.09
N ASN A 231 -15.51 -19.59 -6.27
CA ASN A 231 -14.62 -19.76 -7.44
C ASN A 231 -14.09 -18.42 -7.91
N PHE A 232 -12.82 -18.41 -8.27
CA PHE A 232 -12.17 -17.24 -8.86
C PHE A 232 -11.60 -17.64 -10.22
N TYR A 233 -11.67 -16.70 -11.15
CA TYR A 233 -11.02 -16.75 -12.45
C TYR A 233 -9.70 -15.98 -12.46
N ILE A 234 -8.92 -16.21 -13.50
CA ILE A 234 -7.55 -15.75 -13.59
C ILE A 234 -7.46 -14.56 -14.53
N LEU A 235 -6.58 -13.65 -14.19
CA LEU A 235 -6.21 -12.51 -15.07
C LEU A 235 -4.70 -12.34 -15.23
N PHE A 236 -4.31 -11.87 -16.42
CA PHE A 236 -2.96 -11.40 -16.71
C PHE A 236 -3.06 -10.10 -17.43
N ASN A 237 -2.23 -9.13 -17.09
CA ASN A 237 -2.23 -7.87 -17.82
C ASN A 237 -0.93 -7.20 -17.71
N LEU A 238 -0.67 -6.32 -18.66
CA LEU A 238 0.45 -5.39 -18.57
C LEU A 238 -0.05 -3.97 -18.66
N ALA A 239 -0.27 -3.32 -17.51
CA ALA A 239 -0.67 -1.94 -17.52
C ALA A 239 0.57 -1.04 -17.69
N VAL A 240 0.32 0.17 -18.18
CA VAL A 240 1.36 1.18 -18.40
C VAL A 240 0.94 2.46 -17.70
N GLY A 241 1.72 2.85 -16.70
CA GLY A 241 1.36 3.92 -15.80
C GLY A 241 0.19 3.57 -14.95
N GLY A 242 -0.30 4.58 -14.26
CA GLY A 242 -1.34 4.37 -13.27
C GLY A 242 -0.87 4.73 -11.90
N ALA A 243 -1.85 4.94 -11.02
CA ALA A 243 -1.60 5.43 -9.66
C ALA A 243 -0.58 4.56 -8.89
N PHE A 244 -0.71 3.26 -9.02
CA PHE A 244 0.21 2.29 -8.42
C PHE A 244 1.69 2.57 -8.77
N THR A 245 1.94 2.99 -10.01
CA THR A 245 3.30 3.30 -10.49
C THR A 245 3.81 4.66 -10.07
N GLY A 246 2.94 5.54 -9.59
CA GLY A 246 3.30 6.93 -9.36
C GLY A 246 3.33 7.75 -10.64
N ILE A 247 3.07 7.17 -11.79
CA ILE A 247 3.20 7.89 -13.07
C ILE A 247 1.85 7.90 -13.76
N THR A 248 1.19 9.06 -13.73
CA THR A 248 -0.11 9.24 -14.42
C THR A 248 -0.10 10.29 -15.55
N ASP A 249 1.06 10.85 -15.85
CA ASP A 249 1.24 11.84 -16.91
C ASP A 249 2.21 11.19 -17.89
N ILE A 250 1.84 11.11 -19.15
CA ILE A 250 2.68 10.46 -20.15
C ILE A 250 4.07 11.09 -20.30
N ASN A 251 4.22 12.37 -19.95
CA ASN A 251 5.52 13.01 -19.94
C ASN A 251 6.47 12.46 -18.93
N LYS A 252 5.96 11.80 -17.89
CA LYS A 252 6.80 11.18 -16.88
C LYS A 252 7.07 9.69 -17.16
N LEU A 253 6.46 9.16 -18.22
CA LEU A 253 6.59 7.75 -18.56
C LEU A 253 7.92 7.39 -19.24
N THR A 254 8.94 7.12 -18.47
CA THR A 254 10.23 6.73 -19.03
C THR A 254 10.42 5.26 -19.39
N GLY A 255 9.55 4.40 -18.88
CA GLY A 255 9.67 2.97 -19.11
C GLY A 255 9.09 2.48 -20.41
N LEU A 256 8.35 3.35 -21.12
CA LEU A 256 7.89 3.06 -22.46
C LEU A 256 7.91 4.37 -23.25
N LYS A 257 8.97 4.54 -24.02
CA LYS A 257 9.20 5.74 -24.82
C LYS A 257 8.50 5.61 -26.16
N ASP A 258 8.38 6.75 -26.83
CA ASP A 258 7.74 6.78 -28.13
C ASP A 258 8.46 5.82 -29.09
N GLY A 259 7.73 4.87 -29.68
CA GLY A 259 8.28 3.89 -30.64
C GLY A 259 8.74 2.59 -30.00
N GLN A 260 8.67 2.50 -28.69
CA GLN A 260 9.10 1.28 -27.98
C GLN A 260 7.98 0.24 -27.91
N LYS A 261 8.33 -1.05 -27.98
CA LYS A 261 7.45 -2.20 -27.69
C LYS A 261 8.13 -3.01 -26.61
N VAL A 262 7.35 -3.52 -25.67
CA VAL A 262 7.88 -4.40 -24.62
C VAL A 262 6.90 -5.54 -24.42
N ASN A 263 7.40 -6.68 -24.00
CA ASN A 263 6.58 -7.87 -23.91
C ASN A 263 6.62 -8.46 -22.53
N MET A 264 5.45 -8.99 -22.12
CA MET A 264 5.34 -9.84 -20.96
C MET A 264 4.97 -11.22 -21.47
N TYR A 265 5.67 -12.26 -20.99
CA TYR A 265 5.49 -13.61 -21.49
C TYR A 265 5.05 -14.55 -20.39
N ILE A 266 4.06 -15.38 -20.68
CA ILE A 266 3.59 -16.42 -19.79
C ILE A 266 3.75 -17.76 -20.53
N ASP A 267 4.71 -18.57 -20.05
CA ASP A 267 5.00 -19.86 -20.66
C ASP A 267 3.85 -20.85 -20.43
N TRP A 268 3.32 -20.84 -19.20
CA TRP A 268 2.26 -21.73 -18.80
C TRP A 268 1.56 -21.25 -17.55
N VAL A 269 0.37 -21.79 -17.35
CA VAL A 269 -0.36 -21.66 -16.10
C VAL A 269 -0.99 -23.00 -15.79
N LYS A 270 -0.97 -23.37 -14.52
CA LYS A 270 -1.56 -24.61 -14.12
C LYS A 270 -2.19 -24.56 -12.74
N ILE A 271 -3.17 -25.45 -12.54
CA ILE A 271 -3.98 -25.55 -11.34
C ILE A 271 -3.95 -26.99 -10.90
N LEU A 272 -3.52 -27.24 -9.66
CA LEU A 272 -3.39 -28.61 -9.15
C LEU A 272 -4.55 -28.97 -8.25
N ILE B 36 -4.38 2.01 34.26
CA ILE B 36 -3.55 2.99 33.48
C ILE B 36 -2.12 3.05 33.96
N LEU B 37 -1.20 2.53 33.17
CA LEU B 37 0.23 2.63 33.43
C LEU B 37 0.74 4.02 33.21
N PHE B 38 0.18 4.75 32.24
CA PHE B 38 0.64 6.09 31.87
C PHE B 38 -0.42 6.89 31.11
N LYS B 39 -0.47 8.19 31.37
CA LYS B 39 -1.37 9.09 30.63
C LYS B 39 -0.63 10.40 30.47
N ASP B 40 -0.74 11.01 29.30
CA ASP B 40 -0.31 12.42 29.13
C ASP B 40 -1.56 13.15 28.70
N ASP B 41 -2.08 14.02 29.57
CA ASP B 41 -3.23 14.85 29.24
C ASP B 41 -2.88 16.11 28.46
N PHE B 42 -1.59 16.35 28.22
CA PHE B 42 -1.12 17.53 27.45
C PHE B 42 -1.62 18.85 28.06
N ASN B 43 -1.53 18.92 29.38
CA ASN B 43 -1.65 20.20 30.08
C ASN B 43 -0.39 21.06 29.92
N PHE B 44 0.73 20.41 29.58
CA PHE B 44 1.97 21.10 29.23
C PHE B 44 2.80 20.13 28.38
N PHE B 45 3.86 20.65 27.76
CA PHE B 45 4.78 19.83 26.97
C PHE B 45 5.82 19.24 27.89
N ASP B 46 5.71 17.95 28.16
CA ASP B 46 6.58 17.30 29.14
C ASP B 46 7.82 16.70 28.50
N GLU B 47 8.92 17.44 28.62
CA GLU B 47 10.22 17.07 28.05
C GLU B 47 10.85 15.80 28.64
N LYS B 48 10.34 15.30 29.76
CA LYS B 48 10.75 14.02 30.29
C LYS B 48 10.12 12.83 29.56
N VAL B 49 9.08 13.10 28.78
CA VAL B 49 8.37 12.08 27.99
C VAL B 49 8.61 12.24 26.49
N TRP B 50 8.61 13.49 26.00
CA TRP B 50 8.56 13.80 24.59
C TRP B 50 9.78 14.62 24.15
N THR B 51 10.19 14.37 22.93
CA THR B 51 11.21 15.19 22.24
C THR B 51 10.64 15.72 20.95
N LYS B 52 10.93 16.99 20.66
CA LYS B 52 10.57 17.64 19.41
C LYS B 52 11.62 17.36 18.34
N GLU B 53 11.20 17.02 17.14
CA GLU B 53 12.14 16.71 16.07
C GLU B 53 12.46 17.92 15.16
N THR B 54 13.70 17.96 14.70
CA THR B 54 14.15 18.97 13.72
C THR B 54 14.79 18.29 12.54
N HIS B 55 14.22 18.49 11.36
CA HIS B 55 14.72 17.86 10.15
C HIS B 55 14.38 18.75 8.96
N GLU B 56 15.21 18.65 7.93
CA GLU B 56 15.04 19.40 6.72
C GLU B 56 14.01 18.71 5.83
N PRO B 57 13.42 19.43 4.85
CA PRO B 57 12.59 18.77 3.87
C PRO B 57 13.33 17.64 3.15
N GLY B 58 12.61 16.57 2.76
CA GLY B 58 13.20 15.44 2.05
C GLY B 58 13.96 14.46 2.92
N TRP B 59 13.92 14.71 4.22
CA TRP B 59 14.58 13.85 5.19
C TRP B 59 14.06 12.41 5.00
N THR B 60 12.73 12.25 4.98
CA THR B 60 12.10 10.94 4.70
C THR B 60 10.97 11.09 3.73
N ASN B 61 10.79 10.06 2.90
CA ASN B 61 9.58 9.86 2.06
C ASN B 61 9.33 11.00 1.10
N GLN B 62 10.36 11.73 0.73
CA GLN B 62 10.20 12.89 -0.15
C GLN B 62 9.19 13.93 0.37
N GLU B 63 9.13 14.06 1.69
CA GLU B 63 8.20 15.00 2.34
C GLU B 63 8.67 16.45 2.15
N LEU B 64 7.70 17.35 2.04
CA LEU B 64 7.99 18.75 1.79
C LEU B 64 8.27 19.58 3.05
N GLN B 65 7.81 19.15 4.22
CA GLN B 65 8.00 19.96 5.40
C GLN B 65 9.40 19.85 5.98
N ALA B 66 9.84 20.95 6.55
CA ALA B 66 10.84 20.98 7.60
C ALA B 66 10.12 20.77 8.93
N TYR B 67 10.64 19.86 9.75
CA TYR B 67 10.20 19.75 11.13
C TYR B 67 11.05 20.69 11.96
N ASP B 68 10.38 21.40 12.86
CA ASP B 68 11.07 22.23 13.85
C ASP B 68 10.27 22.36 15.15
N ALA B 69 10.98 22.83 16.16
CA ALA B 69 10.46 22.88 17.50
C ALA B 69 9.32 23.87 17.62
N ALA B 70 9.39 24.95 16.87
CA ALA B 70 8.36 26.01 16.89
C ALA B 70 6.97 25.59 16.45
N HIS B 71 6.88 24.54 15.65
CA HIS B 71 5.61 24.02 15.19
C HIS B 71 5.03 22.86 16.01
N VAL B 72 5.57 22.68 17.21
CA VAL B 72 5.01 21.83 18.24
C VAL B 72 4.72 22.73 19.46
N SER B 73 3.48 22.69 19.95
CA SER B 73 3.10 23.42 21.15
C SER B 73 2.01 22.68 21.88
N VAL B 74 1.70 23.18 23.10
CA VAL B 74 0.57 22.74 23.85
C VAL B 74 -0.26 23.97 24.11
N GLY B 75 -1.55 23.88 23.83
CA GLY B 75 -2.45 25.01 24.02
C GLY B 75 -3.85 24.57 24.21
N LYS B 76 -4.74 25.53 24.13
CA LYS B 76 -6.15 25.31 24.36
C LYS B 76 -6.83 25.07 23.02
N ASP B 77 -7.75 24.12 23.00
CA ASP B 77 -8.72 23.96 21.92
C ASP B 77 -10.07 23.89 22.62
N GLY B 78 -10.78 25.02 22.69
CA GLY B 78 -11.96 25.15 23.57
C GLY B 78 -11.60 24.97 25.04
N ASP B 79 -12.36 24.12 25.76
CA ASP B 79 -12.13 23.74 27.16
C ASP B 79 -11.01 22.70 27.32
N LYS B 80 -10.45 22.18 26.23
CA LYS B 80 -9.37 21.19 26.30
C LYS B 80 -7.98 21.81 26.23
N SER B 81 -7.01 21.09 26.81
CA SER B 81 -5.62 21.35 26.65
C SER B 81 -5.04 20.18 25.86
N VAL B 82 -4.38 20.53 24.78
CA VAL B 82 -3.97 19.58 23.75
C VAL B 82 -2.58 19.85 23.24
N LEU B 83 -1.96 18.78 22.74
CA LEU B 83 -0.77 18.87 21.93
C LEU B 83 -1.22 19.36 20.56
N ILE B 84 -0.51 20.34 20.02
CA ILE B 84 -0.82 20.93 18.74
C ILE B 84 0.42 20.82 17.81
N LEU B 85 0.28 20.08 16.72
CA LEU B 85 1.25 20.05 15.65
C LEU B 85 0.75 20.97 14.57
N THR B 86 1.52 21.99 14.25
CA THR B 86 1.10 22.98 13.24
C THR B 86 1.89 22.91 11.95
N ALA B 87 1.16 22.69 10.85
CA ALA B 87 1.73 22.78 9.51
C ALA B 87 1.52 24.19 9.05
N GLU B 88 2.57 24.80 8.55
CA GLU B 88 2.50 26.17 8.07
C GLU B 88 3.32 26.35 6.79
N ARG B 89 2.79 27.17 5.89
CA ARG B 89 3.49 27.53 4.69
C ARG B 89 3.64 29.03 4.59
N LYS B 90 4.85 29.47 4.25
CA LYS B 90 5.16 30.88 3.94
C LYS B 90 6.01 30.84 2.70
N GLY B 91 5.43 31.28 1.58
CA GLY B 91 6.09 31.16 0.30
C GLY B 91 6.20 29.71 -0.07
N ASN B 92 7.39 29.29 -0.45
CA ASN B 92 7.61 27.91 -0.75
C ASN B 92 8.22 27.14 0.42
N LYS B 93 8.28 27.76 1.60
CA LYS B 93 8.81 27.09 2.79
C LYS B 93 7.65 26.52 3.59
N ILE B 94 7.80 25.26 3.91
CA ILE B 94 6.81 24.53 4.67
C ILE B 94 7.42 24.02 5.97
N TYR B 95 6.70 24.27 7.07
CA TYR B 95 7.12 23.86 8.41
C TYR B 95 6.07 22.97 9.01
N SER B 96 6.50 22.03 9.85
CA SER B 96 5.53 21.29 10.64
C SER B 96 6.16 20.72 11.89
N GLY B 97 5.41 19.87 12.59
CA GLY B 97 5.85 19.28 13.82
C GLY B 97 5.78 17.76 13.92
N ARG B 98 6.74 17.23 14.66
CA ARG B 98 6.82 15.82 14.93
C ARG B 98 7.41 15.64 16.30
N ILE B 99 6.84 14.72 17.10
CA ILE B 99 7.41 14.34 18.38
C ILE B 99 7.59 12.86 18.56
N ASN B 100 8.46 12.49 19.49
CA ASN B 100 8.59 11.09 19.84
C ASN B 100 8.99 10.90 21.29
N SER B 101 8.76 9.70 21.84
CA SER B 101 9.16 9.38 23.22
C SER B 101 10.37 8.44 23.32
N LYS B 102 11.19 8.39 22.30
CA LYS B 102 12.33 7.41 22.26
C LYS B 102 13.28 7.70 23.42
N GLY B 103 13.63 6.67 24.17
CA GLY B 103 14.50 6.78 25.34
C GLY B 103 13.86 7.42 26.56
N LYS B 104 12.57 7.74 26.50
CA LYS B 104 11.87 8.43 27.58
C LYS B 104 10.64 7.67 28.01
N LYS B 105 9.83 7.18 27.07
CA LYS B 105 8.70 6.34 27.41
C LYS B 105 8.50 5.28 26.35
N SER B 106 8.56 4.02 26.79
CA SER B 106 8.27 2.90 25.91
C SER B 106 7.56 1.81 26.64
N PHE B 107 6.98 0.91 25.88
CA PHE B 107 6.24 -0.17 26.46
C PHE B 107 6.13 -1.33 25.48
N LYS B 108 5.58 -2.41 26.04
CA LYS B 108 5.46 -3.65 25.37
C LYS B 108 4.20 -4.33 25.85
N TYR B 109 3.39 -4.83 24.91
CA TYR B 109 2.19 -5.61 25.17
C TYR B 109 1.15 -4.92 26.03
N ARG B 110 0.86 -3.68 25.71
CA ARG B 110 -0.18 -2.95 26.43
C ARG B 110 -1.06 -2.28 25.43
N LYS B 111 -2.19 -1.78 25.90
CA LYS B 111 -3.12 -1.07 25.05
C LYS B 111 -2.69 0.40 25.06
N ILE B 112 -2.63 1.00 23.89
CA ILE B 112 -2.31 2.44 23.79
C ILE B 112 -3.46 3.09 23.05
N GLU B 113 -3.95 4.21 23.60
CA GLU B 113 -5.07 4.98 23.02
C GLU B 113 -4.67 6.44 22.92
N ALA B 114 -5.03 7.09 21.85
CA ALA B 114 -4.84 8.56 21.72
C ALA B 114 -6.12 9.16 21.15
N SER B 115 -6.44 10.36 21.62
CA SER B 115 -7.60 11.10 21.20
C SER B 115 -7.07 12.24 20.33
N ILE B 116 -7.50 12.21 19.07
CA ILE B 116 -6.95 13.06 18.05
C ILE B 116 -8.03 13.71 17.23
N LYS B 117 -7.81 14.98 16.95
CA LYS B 117 -8.63 15.72 16.04
C LYS B 117 -7.77 16.12 14.86
N LEU B 118 -8.22 15.74 13.67
CA LEU B 118 -7.40 15.78 12.49
C LEU B 118 -7.83 16.91 11.61
N PRO B 119 -6.85 17.55 10.92
CA PRO B 119 -7.22 18.54 9.92
C PRO B 119 -7.81 17.86 8.71
N LYS B 120 -8.47 18.62 7.84
CA LYS B 120 -8.80 18.13 6.54
C LYS B 120 -7.47 17.85 5.85
N THR B 121 -7.30 16.66 5.31
CA THR B 121 -6.03 16.28 4.70
C THR B 121 -5.95 16.45 3.18
N ASN B 122 -7.10 16.59 2.53
CA ASN B 122 -7.15 16.62 1.09
C ASN B 122 -6.13 17.62 0.53
N GLY B 123 -5.33 17.17 -0.44
CA GLY B 123 -4.32 18.00 -1.07
C GLY B 123 -2.94 17.98 -0.44
N GLY B 124 -2.69 17.00 0.41
CA GLY B 124 -1.33 16.56 0.74
C GLY B 124 -0.94 16.54 2.21
N LEU B 125 -1.86 16.77 3.15
CA LEU B 125 -1.48 16.64 4.59
C LEU B 125 -1.42 15.16 4.97
N TRP B 126 -0.50 14.77 5.85
CA TRP B 126 -0.24 13.37 6.17
C TRP B 126 -0.02 13.23 7.67
N PRO B 127 -1.14 13.15 8.43
CA PRO B 127 -0.97 12.94 9.85
C PRO B 127 -0.78 11.51 10.18
N ALA B 128 -0.08 11.27 11.27
CA ALA B 128 0.17 9.91 11.72
C ALA B 128 0.36 9.78 13.24
N PHE B 129 -0.11 8.64 13.77
CA PHE B 129 0.07 8.21 15.14
C PHE B 129 0.67 6.82 15.02
N TRP B 130 1.86 6.63 15.58
CA TRP B 130 2.65 5.45 15.28
C TRP B 130 3.73 5.17 16.31
N MET B 131 4.47 4.08 16.11
CA MET B 131 5.43 3.62 17.09
C MET B 131 6.60 2.97 16.38
N MET B 132 7.76 3.04 17.02
CA MET B 132 8.95 2.31 16.57
C MET B 132 9.66 1.69 17.77
N GLY B 133 10.44 0.65 17.50
CA GLY B 133 11.19 -0.04 18.54
C GLY B 133 12.18 0.86 19.25
N ASP B 134 12.22 0.75 20.56
CA ASP B 134 13.03 1.61 21.44
C ASP B 134 14.38 0.93 21.61
N ASN B 135 15.14 0.92 20.54
CA ASN B 135 16.45 0.26 20.48
C ASN B 135 17.27 1.07 19.48
N ASP B 136 18.52 0.67 19.27
CA ASP B 136 19.44 1.40 18.39
C ASP B 136 19.50 0.86 16.97
N LYS B 137 18.70 -0.14 16.62
CA LYS B 137 18.76 -0.72 15.27
C LYS B 137 18.26 0.28 14.25
N GLN B 138 18.92 0.36 13.09
CA GLN B 138 18.46 1.26 12.06
C GLN B 138 17.16 0.75 11.47
N TRP B 139 16.28 1.68 11.15
CA TRP B 139 15.01 1.37 10.51
C TRP B 139 15.27 0.60 9.21
N PRO B 140 14.46 -0.43 8.91
CA PRO B 140 13.25 -0.87 9.62
C PRO B 140 13.50 -1.92 10.66
N ALA B 141 14.77 -2.21 10.95
CA ALA B 141 15.17 -3.23 11.93
C ALA B 141 14.69 -2.94 13.34
N CYS B 142 14.47 -1.67 13.66
CA CYS B 142 13.84 -1.29 14.93
C CYS B 142 12.39 -1.69 15.03
N GLY B 143 11.73 -1.84 13.87
CA GLY B 143 10.32 -2.14 13.81
C GLY B 143 9.52 -0.87 13.86
N GLU B 144 8.36 -0.93 13.22
CA GLU B 144 7.45 0.19 13.18
C GLU B 144 5.99 -0.28 13.11
N ILE B 145 5.10 0.35 13.90
CA ILE B 145 3.68 0.08 13.86
C ILE B 145 3.01 1.40 13.56
N ASP B 146 2.29 1.44 12.47
CA ASP B 146 1.51 2.64 12.11
C ASP B 146 0.10 2.39 12.55
N ILE B 147 -0.30 3.03 13.64
CA ILE B 147 -1.62 2.84 14.20
C ILE B 147 -2.63 3.52 13.33
N MET B 148 -2.35 4.75 12.92
CA MET B 148 -3.25 5.46 12.05
C MET B 148 -2.43 6.42 11.19
N GLU B 149 -2.74 6.42 9.90
CA GLU B 149 -2.24 7.44 8.99
C GLU B 149 -3.42 7.79 8.10
N MET B 150 -3.54 9.06 7.75
CA MET B 150 -4.45 9.51 6.70
C MET B 150 -3.71 10.37 5.69
N GLY B 151 -4.35 10.61 4.54
CA GLY B 151 -3.85 11.48 3.47
C GLY B 151 -3.22 10.75 2.30
N GLU B 152 -3.44 9.45 2.21
CA GLU B 152 -2.85 8.69 1.11
C GLU B 152 -3.47 9.12 -0.22
N GLN B 153 -2.66 9.05 -1.26
CA GLN B 153 -3.05 9.36 -2.62
C GLN B 153 -4.38 8.76 -3.07
N SER B 154 -4.57 7.48 -2.78
CA SER B 154 -5.75 6.80 -3.27
C SER B 154 -7.03 7.30 -2.61
N GLY B 155 -6.95 7.78 -1.36
CA GLY B 155 -8.12 8.38 -0.72
C GLY B 155 -8.61 9.62 -1.44
N MET B 156 -7.67 10.47 -1.87
CA MET B 156 -8.01 11.65 -2.65
C MET B 156 -8.58 11.32 -4.01
N ALA B 157 -7.92 10.44 -4.74
CA ALA B 157 -8.42 9.99 -6.04
C ALA B 157 -9.86 9.44 -5.97
N ALA B 158 -10.18 8.65 -4.95
CA ALA B 158 -11.54 8.14 -4.75
C ALA B 158 -12.59 9.09 -4.13
N GLY B 159 -12.20 10.27 -3.65
CA GLY B 159 -13.14 11.17 -2.90
C GLY B 159 -13.43 10.75 -1.46
N ASP B 160 -12.53 9.95 -0.88
CA ASP B 160 -12.66 9.35 0.44
C ASP B 160 -11.58 9.84 1.41
N SER B 161 -10.94 10.97 1.14
CA SER B 161 -9.84 11.44 1.94
C SER B 161 -10.21 11.60 3.42
N GLU B 162 -11.46 11.96 3.75
CA GLU B 162 -11.81 12.13 5.16
C GLU B 162 -12.09 10.80 5.90
N LYS B 163 -12.17 9.72 5.14
CA LYS B 163 -12.52 8.39 5.69
C LYS B 163 -11.43 7.34 5.54
N GLN B 164 -10.52 7.52 4.59
CA GLN B 164 -9.57 6.46 4.24
C GLN B 164 -8.41 6.46 5.21
N VAL B 165 -8.33 5.39 5.98
CA VAL B 165 -7.30 5.18 7.00
C VAL B 165 -6.37 4.00 6.55
N ASN B 166 -5.08 4.21 6.76
CA ASN B 166 -4.03 3.20 6.57
C ASN B 166 -3.46 2.83 7.94
N THR B 167 -3.31 1.52 8.17
CA THR B 167 -2.57 0.96 9.31
C THR B 167 -1.55 0.00 8.72
N ALA B 168 -0.41 -0.19 9.39
CA ALA B 168 0.71 -0.93 8.81
C ALA B 168 1.75 -1.35 9.83
N ILE B 169 2.60 -2.28 9.39
CA ILE B 169 3.77 -2.65 10.14
C ILE B 169 4.88 -2.79 9.14
N HIS B 170 6.04 -2.30 9.56
CA HIS B 170 7.27 -2.35 8.79
C HIS B 170 8.34 -3.03 9.62
N TYR B 171 9.16 -3.87 8.97
CA TYR B 171 10.16 -4.63 9.72
C TYR B 171 11.17 -5.23 8.73
N GLY B 172 12.15 -5.98 9.23
CA GLY B 172 13.22 -6.53 8.36
C GLY B 172 14.58 -6.04 8.83
N PRO B 173 15.64 -6.75 8.50
CA PRO B 173 16.95 -6.49 9.10
C PRO B 173 17.71 -5.32 8.47
N SER B 174 17.25 -4.83 7.32
CA SER B 174 17.91 -3.72 6.63
C SER B 174 16.92 -3.03 5.70
N ALA B 175 17.24 -1.83 5.25
CA ALA B 175 16.38 -1.17 4.28
C ALA B 175 16.20 -2.03 3.02
N ALA B 176 17.30 -2.68 2.62
CA ALA B 176 17.27 -3.57 1.48
C ALA B 176 16.31 -4.76 1.68
N ALA B 177 16.16 -5.25 2.92
CA ALA B 177 15.21 -6.34 3.27
C ALA B 177 13.94 -5.86 3.99
N HIS B 178 13.56 -4.61 3.72
CA HIS B 178 12.34 -4.00 4.26
C HIS B 178 11.10 -4.81 3.86
N GLU B 179 10.30 -5.19 4.84
CA GLU B 179 9.05 -5.89 4.62
C GLU B 179 7.94 -5.03 5.22
N GLN B 180 6.76 -5.08 4.62
CA GLN B 180 5.63 -4.32 5.13
C GLN B 180 4.29 -4.93 4.82
N GLN B 181 3.39 -4.79 5.79
CA GLN B 181 2.03 -5.23 5.66
C GLN B 181 1.19 -4.08 5.95
N TYR B 182 0.16 -3.89 5.14
CA TYR B 182 -0.77 -2.84 5.49
CA TYR B 182 -0.74 -2.73 5.23
C TYR B 182 -2.19 -3.18 5.19
N TYR B 183 -3.08 -2.44 5.86
CA TYR B 183 -4.49 -2.58 5.70
C TYR B 183 -5.02 -1.18 5.51
N LYS B 184 -5.88 -1.02 4.51
CA LYS B 184 -6.46 0.26 4.17
C LYS B 184 -7.98 0.08 3.97
N ALA B 185 -8.77 0.96 4.54
CA ALA B 185 -10.19 0.95 4.35
C ALA B 185 -10.73 2.33 4.70
N ASN B 186 -11.97 2.58 4.27
CA ASN B 186 -12.74 3.72 4.79
C ASN B 186 -13.49 3.38 6.04
N VAL B 187 -13.40 4.20 7.06
CA VAL B 187 -14.39 4.14 8.17
C VAL B 187 -15.76 4.65 7.68
N ALA B 188 -16.79 4.45 8.50
CA ALA B 188 -18.17 4.80 8.13
C ALA B 188 -18.37 6.28 7.89
N ASN B 189 -17.79 7.11 8.75
CA ASN B 189 -17.98 8.54 8.73
C ASN B 189 -16.66 9.25 8.83
N SER B 190 -16.67 10.47 8.31
CA SER B 190 -15.48 11.33 8.36
C SER B 190 -14.81 11.40 9.76
N LEU B 191 -13.49 11.16 9.77
CA LEU B 191 -12.64 11.41 10.90
C LEU B 191 -12.08 12.81 10.91
N GLN B 192 -12.45 13.62 9.91
CA GLN B 192 -11.96 14.99 9.79
C GLN B 192 -13.20 15.89 9.82
N ASP B 193 -13.92 15.72 10.92
CA ASP B 193 -15.26 16.26 11.16
C ASP B 193 -15.28 17.25 12.32
N GLY B 194 -14.13 17.76 12.73
CA GLY B 194 -14.08 18.73 13.83
C GLY B 194 -14.19 18.12 15.21
N ASN B 195 -14.26 16.78 15.29
CA ASN B 195 -14.32 16.06 16.56
C ASN B 195 -13.01 15.33 16.79
N TYR B 196 -12.75 15.05 18.06
CA TYR B 196 -11.67 14.15 18.48
C TYR B 196 -12.16 12.72 18.34
N HIS B 197 -11.29 11.82 17.86
CA HIS B 197 -11.64 10.42 17.71
C HIS B 197 -10.57 9.66 18.44
N THR B 198 -10.91 8.46 18.90
CA THR B 198 -9.99 7.63 19.66
C THR B 198 -9.37 6.61 18.73
N TYR B 199 -8.04 6.57 18.72
CA TYR B 199 -7.29 5.58 17.96
C TYR B 199 -6.55 4.69 18.97
N SER B 200 -6.73 3.37 18.86
CA SER B 200 -6.21 2.41 19.85
C SER B 200 -5.42 1.29 19.21
N LEU B 201 -4.36 0.83 19.89
CA LEU B 201 -3.67 -0.38 19.53
C LEU B 201 -3.72 -1.31 20.73
N ASP B 202 -4.27 -2.51 20.54
CA ASP B 202 -4.18 -3.63 21.51
C ASP B 202 -3.05 -4.53 21.05
N TRP B 203 -2.13 -4.85 21.94
CA TRP B 203 -0.89 -5.52 21.58
C TRP B 203 -0.63 -6.64 22.57
N ASP B 204 -0.55 -7.86 22.07
CA ASP B 204 0.01 -8.97 22.86
C ASP B 204 1.00 -9.73 21.99
N GLU B 205 1.52 -10.85 22.47
CA GLU B 205 2.54 -11.58 21.69
C GLU B 205 2.04 -12.17 20.35
N ASN B 206 0.73 -12.28 20.15
CA ASN B 206 0.19 -12.79 18.88
C ASN B 206 -0.35 -11.74 17.93
N ASN B 207 -0.92 -10.66 18.47
CA ASN B 207 -1.76 -9.75 17.68
C ASN B 207 -1.43 -8.31 17.96
N LEU B 208 -1.56 -7.51 16.91
CA LEU B 208 -1.69 -6.09 17.01
C LEU B 208 -3.07 -5.76 16.43
N THR B 209 -3.97 -5.28 17.29
CA THR B 209 -5.28 -4.90 16.87
C THR B 209 -5.46 -3.42 16.97
N ILE B 210 -5.77 -2.80 15.83
CA ILE B 210 -6.08 -1.40 15.78
C ILE B 210 -7.59 -1.19 15.80
N SER B 211 -8.04 -0.28 16.66
CA SER B 211 -9.41 0.16 16.71
C SER B 211 -9.55 1.67 16.55
N ILE B 212 -10.72 2.06 16.06
CA ILE B 212 -11.05 3.46 15.91
C ILE B 212 -12.41 3.72 16.51
N ASP B 213 -12.46 4.66 17.45
CA ASP B 213 -13.66 4.91 18.22
C ASP B 213 -14.29 3.60 18.74
N ASN B 214 -13.45 2.74 19.27
CA ASN B 214 -13.86 1.44 19.82
C ASN B 214 -14.48 0.46 18.89
N VAL B 215 -14.22 0.61 17.60
CA VAL B 215 -14.63 -0.34 16.58
C VAL B 215 -13.33 -0.91 16.03
N LYS B 216 -13.18 -2.22 16.12
CA LYS B 216 -12.04 -2.93 15.54
C LYS B 216 -11.85 -2.60 14.05
N PHE B 217 -10.62 -2.29 13.68
CA PHE B 217 -10.35 -1.86 12.31
C PHE B 217 -9.54 -2.95 11.60
N HIS B 218 -8.46 -3.43 12.22
CA HIS B 218 -7.66 -4.54 11.66
C HIS B 218 -6.76 -5.17 12.71
N THR B 219 -6.49 -6.46 12.52
CA THR B 219 -5.53 -7.18 13.36
C THR B 219 -4.40 -7.64 12.50
N PHE B 220 -3.18 -7.36 12.91
CA PHE B 220 -1.99 -7.97 12.32
C PHE B 220 -1.55 -9.12 13.21
N ASP B 221 -1.22 -10.24 12.59
CA ASP B 221 -0.63 -11.39 13.22
C ASP B 221 0.89 -11.23 13.36
N ILE B 222 1.36 -11.21 14.59
CA ILE B 222 2.80 -11.11 14.86
C ILE B 222 3.36 -12.28 15.66
N SER B 223 2.62 -13.39 15.69
CA SER B 223 2.98 -14.52 16.54
C SER B 223 4.34 -15.07 16.17
N SER B 224 4.69 -15.00 14.89
CA SER B 224 5.99 -15.40 14.41
C SER B 224 6.79 -14.23 13.86
N ASN B 225 6.52 -13.02 14.31
CA ASN B 225 7.26 -11.86 13.82
C ASN B 225 8.11 -11.29 14.95
N THR B 226 9.40 -11.57 14.86
CA THR B 226 10.34 -11.24 15.93
C THR B 226 10.46 -9.76 16.21
N TYR B 227 9.99 -8.90 15.29
CA TYR B 227 10.23 -7.45 15.43
C TYR B 227 9.22 -6.69 16.32
N PHE B 228 8.19 -7.36 16.85
CA PHE B 228 7.11 -6.72 17.61
C PHE B 228 6.96 -7.35 18.99
N HIS B 229 8.10 -7.70 19.57
CA HIS B 229 8.17 -8.42 20.85
C HIS B 229 9.15 -7.72 21.80
N ASP B 230 9.35 -6.42 21.61
CA ASP B 230 10.19 -5.59 22.48
C ASP B 230 9.53 -4.24 22.68
N ASN B 231 10.15 -3.42 23.52
CA ASN B 231 9.61 -2.09 23.81
C ASN B 231 9.58 -1.19 22.58
N PHE B 232 8.47 -0.48 22.43
CA PHE B 232 8.30 0.53 21.38
C PHE B 232 7.99 1.86 22.05
N TYR B 233 8.49 2.95 21.44
CA TYR B 233 8.13 4.29 21.80
C TYR B 233 7.07 4.84 20.83
N ILE B 234 6.53 6.01 21.16
CA ILE B 234 5.40 6.62 20.45
C ILE B 234 5.88 7.83 19.62
N LEU B 235 5.24 8.02 18.45
CA LEU B 235 5.40 9.20 17.60
C LEU B 235 4.01 9.77 17.18
N PHE B 236 3.99 11.10 17.03
CA PHE B 236 2.92 11.84 16.37
C PHE B 236 3.57 12.77 15.40
N ASN B 237 3.03 12.88 14.19
CA ASN B 237 3.49 13.95 13.32
C ASN B 237 2.40 14.37 12.33
N LEU B 238 2.66 15.54 11.73
CA LEU B 238 1.88 16.05 10.64
C LEU B 238 2.83 16.33 9.50
N ALA B 239 2.98 15.36 8.61
CA ALA B 239 3.81 15.53 7.42
C ALA B 239 3.01 16.28 6.38
N VAL B 240 3.71 16.91 5.45
CA VAL B 240 3.13 17.70 4.35
C VAL B 240 3.76 17.20 3.08
N GLY B 241 2.95 16.57 2.26
CA GLY B 241 3.42 15.93 1.06
C GLY B 241 4.20 14.67 1.37
N GLY B 242 4.94 14.16 0.39
CA GLY B 242 5.63 12.89 0.52
C GLY B 242 4.97 11.85 -0.38
N ALA B 243 5.69 10.75 -0.66
CA ALA B 243 5.26 9.74 -1.66
C ALA B 243 3.86 9.17 -1.30
N PHE B 244 3.63 8.89 -0.01
CA PHE B 244 2.31 8.41 0.49
C PHE B 244 1.16 9.24 -0.06
N THR B 245 1.35 10.57 -0.12
CA THR B 245 0.30 11.50 -0.53
C THR B 245 0.18 11.66 -2.04
N GLY B 246 1.17 11.16 -2.79
CA GLY B 246 1.28 11.44 -4.20
C GLY B 246 1.70 12.85 -4.58
N ILE B 247 1.98 13.72 -3.60
CA ILE B 247 2.32 15.11 -3.84
C ILE B 247 3.71 15.35 -3.29
N THR B 248 4.69 15.42 -4.20
CA THR B 248 6.08 15.62 -3.83
C THR B 248 6.68 16.89 -4.45
N ASP B 249 5.82 17.70 -5.07
CA ASP B 249 6.22 18.96 -5.67
C ASP B 249 5.23 19.99 -5.11
N ILE B 250 5.77 21.08 -4.59
CA ILE B 250 4.99 22.11 -3.93
C ILE B 250 3.94 22.76 -4.80
N ASN B 251 4.15 22.75 -6.12
CA ASN B 251 3.15 23.25 -7.08
C ASN B 251 1.84 22.50 -7.05
N LYS B 252 1.86 21.23 -6.62
CA LYS B 252 0.67 20.40 -6.50
C LYS B 252 0.09 20.35 -5.08
N LEU B 253 0.63 21.14 -4.16
CA LEU B 253 0.23 21.09 -2.77
C LEU B 253 -0.96 22.02 -2.52
N THR B 254 -2.15 21.54 -2.80
CA THR B 254 -3.34 22.33 -2.64
C THR B 254 -3.88 22.31 -1.23
N GLY B 255 -3.49 21.32 -0.44
CA GLY B 255 -3.95 21.22 0.94
C GLY B 255 -3.36 22.21 1.92
N LEU B 256 -2.29 22.91 1.55
CA LEU B 256 -1.72 23.90 2.42
C LEU B 256 -1.24 25.09 1.56
N LYS B 257 -2.02 26.18 1.57
CA LYS B 257 -1.78 27.35 0.71
C LYS B 257 -0.84 28.31 1.41
N ASP B 258 -0.25 29.20 0.61
CA ASP B 258 0.68 30.20 1.12
C ASP B 258 -0.03 31.05 2.16
N GLY B 259 0.57 31.18 3.34
CA GLY B 259 -0.03 31.90 4.46
C GLY B 259 -0.86 31.08 5.44
N GLN B 260 -1.18 29.85 5.07
CA GLN B 260 -2.08 29.04 5.85
C GLN B 260 -1.33 28.31 6.95
N LYS B 261 -1.98 28.20 8.12
CA LYS B 261 -1.57 27.31 9.21
C LYS B 261 -2.65 26.24 9.39
N VAL B 262 -2.25 24.99 9.54
CA VAL B 262 -3.23 23.91 9.79
C VAL B 262 -2.76 23.07 10.97
N ASN B 263 -3.64 22.76 11.90
CA ASN B 263 -3.24 22.04 13.14
C ASN B 263 -3.80 20.61 13.19
N MET B 264 -3.04 19.77 13.86
CA MET B 264 -3.47 18.46 14.32
C MET B 264 -3.39 18.50 15.84
N TYR B 265 -4.44 18.03 16.50
CA TYR B 265 -4.59 18.16 17.95
C TYR B 265 -4.64 16.79 18.60
N ILE B 266 -3.90 16.61 19.66
CA ILE B 266 -3.94 15.38 20.43
C ILE B 266 -4.30 15.78 21.87
N ASP B 267 -5.50 15.36 22.28
CA ASP B 267 -6.05 15.76 23.56
C ASP B 267 -5.35 15.01 24.68
N TRP B 268 -5.09 13.73 24.43
CA TRP B 268 -4.45 12.86 25.44
C TRP B 268 -3.93 11.58 24.81
N VAL B 269 -2.97 10.97 25.49
CA VAL B 269 -2.51 9.63 25.16
C VAL B 269 -2.43 8.82 26.48
N LYS B 270 -2.80 7.55 26.39
CA LYS B 270 -2.96 6.67 27.55
C LYS B 270 -2.36 5.32 27.20
N ILE B 271 -1.72 4.67 28.17
CA ILE B 271 -1.28 3.27 28.08
C ILE B 271 -1.89 2.51 29.28
N LEU B 272 -2.58 1.40 28.99
CA LEU B 272 -3.27 0.56 29.98
C LEU B 272 -2.63 -0.81 30.06
#